data_1NGO
#
_entry.id   1NGO
#
_entity_poly.entity_id   1
_entity_poly.type   'polydeoxyribonucleotide'
_entity_poly.pdbx_seq_one_letter_code
;(DC)(DT)(DC)(DT)(DT)(DT)(DT)(DT)(DG)(DT)(DA)(DA)(DG)(DA)(DA)(DA)(DT)(DA)(DC)(DA)
(DA)(DG)(DG)(DA)(DG)(DA)(DG)
;
_entity_poly.pdbx_strand_id   A
#